data_9F5T
#
_entry.id   9F5T
#
_cell.length_a   89.610
_cell.length_b   35.510
_cell.length_c   117.640
_cell.angle_alpha   90.00
_cell.angle_beta   102.20
_cell.angle_gamma   90.00
#
_symmetry.space_group_name_H-M   'P 1 21 1'
#
loop_
_entity.id
_entity.type
_entity.pdbx_description
1 polymer BpJOS
2 polymer Ubiquitin
3 water water
#
loop_
_entity_poly.entity_id
_entity_poly.type
_entity_poly.pdbx_seq_one_letter_code
_entity_poly.pdbx_strand_id
1 'polypeptide(L)'
;MGHLKKIGGKPNGAASALGNSLKKALDTREPLSESNFLSGHVHPHDTPIHPGANGLFYHEIQRVDSGTAAVHAANAYSGS
SQYNLHHFANAQSNMVGLDYNEAKGLILQDGNDPNFVKAVLNESKGAANTAHIAKSKTELADILDHVDRDIDRVMVGLAG
PGESGHWVAFRKDGDKKWHKIDSYPRGIRASDPQPDQSPADFLRQRPGTESHYSIIYR
;
A,C
2 'polypeptide(L)'
;MQIFVKTLTGKTITLEVEPSDTIENVKAKIQDKEGIPPDQQRLIFAGKQLEDGRTLSDYNIQKESTLHLVLRLRGGMQIF
VKTLTGKTITLEVEPSDTIENVKAKIQDKEGIPPDQQRLIFAGKQLEDGRTLSDYNIQKESTLHLVLRLRGG
;
B,D
#
# COMPACT_ATOMS: atom_id res chain seq x y z
N ALA A 15 -13.99 10.17 0.60
CA ALA A 15 -14.26 8.96 1.37
C ALA A 15 -14.01 7.71 0.52
N SER A 16 -13.90 7.89 -0.79
CA SER A 16 -13.53 6.77 -1.66
C SER A 16 -12.02 6.57 -1.68
N ALA A 17 -11.25 7.63 -1.47
CA ALA A 17 -9.81 7.49 -1.34
C ALA A 17 -9.47 6.55 -0.18
N LEU A 18 -10.22 6.65 0.92
CA LEU A 18 -10.01 5.75 2.04
C LEU A 18 -10.45 4.33 1.69
N GLY A 19 -11.57 4.20 0.97
CA GLY A 19 -12.02 2.88 0.57
C GLY A 19 -11.02 2.15 -0.30
N ASN A 20 -10.37 2.88 -1.22
CA ASN A 20 -9.37 2.25 -2.08
C ASN A 20 -8.08 1.97 -1.31
N SER A 21 -7.72 2.83 -0.37
CA SER A 21 -6.54 2.55 0.46
C SER A 21 -6.75 1.29 1.28
N LEU A 22 -7.98 1.04 1.72
CA LEU A 22 -8.26 -0.19 2.45
C LEU A 22 -8.16 -1.40 1.52
N LYS A 23 -8.57 -1.26 0.27
CA LYS A 23 -8.39 -2.35 -0.69
C LYS A 23 -6.90 -2.62 -0.91
N LYS A 24 -6.08 -1.57 -0.96
CA LYS A 24 -4.64 -1.74 -1.14
C LYS A 24 -4.04 -2.63 -0.06
N ALA A 25 -4.44 -2.43 1.19
CA ALA A 25 -3.92 -3.22 2.30
C ALA A 25 -4.32 -4.69 2.24
N LEU A 26 -5.26 -5.05 1.36
CA LEU A 26 -5.66 -6.44 1.18
C LEU A 26 -4.82 -7.16 0.12
N ASP A 27 -3.96 -6.45 -0.61
CA ASP A 27 -3.17 -7.04 -1.69
C ASP A 27 -1.91 -7.66 -1.10
N THR A 28 -1.91 -8.98 -0.93
CA THR A 28 -0.76 -9.70 -0.41
C THR A 28 0.10 -10.32 -1.51
N ARG A 29 -0.02 -9.82 -2.73
CA ARG A 29 0.78 -10.35 -3.84
C ARG A 29 2.26 -10.27 -3.54
N GLU A 30 2.76 -9.07 -3.22
CA GLU A 30 4.17 -8.91 -2.93
C GLU A 30 4.50 -9.50 -1.56
N PRO A 31 5.64 -10.18 -1.41
CA PRO A 31 5.97 -10.76 -0.11
C PRO A 31 6.14 -9.69 0.95
N LEU A 32 5.64 -9.99 2.15
CA LEU A 32 5.75 -9.06 3.27
C LEU A 32 7.21 -8.78 3.61
N SER A 33 7.49 -7.53 3.99
CA SER A 33 8.86 -7.11 4.26
CA SER A 33 8.85 -7.12 4.26
C SER A 33 8.84 -5.95 5.25
N GLU A 34 10.04 -5.58 5.72
CA GLU A 34 10.17 -4.42 6.58
C GLU A 34 9.72 -3.14 5.90
N SER A 35 9.64 -3.13 4.57
CA SER A 35 9.37 -1.93 3.80
C SER A 35 7.94 -1.84 3.30
N ASN A 36 7.11 -2.86 3.54
CA ASN A 36 5.74 -2.82 3.04
C ASN A 36 4.70 -3.27 4.05
N PHE A 37 5.06 -3.44 5.34
CA PHE A 37 4.07 -3.87 6.31
C PHE A 37 3.10 -2.75 6.65
N LEU A 38 3.54 -1.50 6.51
CA LEU A 38 2.66 -0.35 6.63
C LEU A 38 2.07 -0.05 5.26
N SER A 39 0.76 -0.17 5.15
CA SER A 39 0.09 -0.01 3.86
C SER A 39 -0.31 1.42 3.57
N GLY A 40 -0.65 2.20 4.60
CA GLY A 40 -1.07 3.57 4.38
C GLY A 40 -1.55 4.20 5.67
N HIS A 41 -2.37 5.24 5.52
CA HIS A 41 -2.92 5.96 6.65
C HIS A 41 -4.39 6.28 6.42
N VAL A 42 -5.19 6.16 7.48
CA VAL A 42 -6.52 6.76 7.47
C VAL A 42 -6.40 8.27 7.60
N HIS A 43 -5.54 8.71 8.51
CA HIS A 43 -5.23 10.12 8.76
C HIS A 43 -3.72 10.23 8.93
N PRO A 44 -3.01 10.94 8.06
CA PRO A 44 -1.54 10.89 8.07
C PRO A 44 -0.87 11.96 8.91
N HIS A 45 -1.59 13.00 9.33
CA HIS A 45 -1.01 14.13 10.05
C HIS A 45 -0.96 13.85 11.55
N ASP A 46 0.00 14.49 12.21
CA ASP A 46 0.25 14.23 13.62
C ASP A 46 -0.91 14.72 14.49
N THR A 47 -1.22 13.94 15.52
CA THR A 47 -2.23 14.32 16.52
C THR A 47 -1.72 13.93 17.91
N PRO A 48 -0.66 14.59 18.38
CA PRO A 48 -0.15 14.28 19.73
C PRO A 48 -1.17 14.57 20.82
N ILE A 49 -2.05 15.55 20.59
CA ILE A 49 -3.02 15.97 21.60
C ILE A 49 -4.41 15.93 21.00
N HIS A 50 -4.78 16.98 20.27
N HIS A 50 -4.78 17.00 20.24
CA HIS A 50 -6.10 17.08 19.68
CA HIS A 50 -6.13 17.07 19.70
C HIS A 50 -6.11 16.47 18.29
C HIS A 50 -6.15 16.63 18.24
N PRO A 51 -7.28 16.07 17.79
CA PRO A 51 -7.36 15.55 16.42
C PRO A 51 -7.35 16.68 15.40
N GLY A 52 -7.32 16.32 14.13
CA GLY A 52 -7.39 17.29 13.07
C GLY A 52 -8.79 17.90 12.96
N ALA A 53 -8.92 18.82 12.01
CA ALA A 53 -10.21 19.49 11.80
C ALA A 53 -11.28 18.53 11.33
N ASN A 54 -10.90 17.41 10.70
CA ASN A 54 -11.86 16.40 10.29
C ASN A 54 -12.24 15.47 11.45
N GLY A 55 -11.71 15.70 12.64
CA GLY A 55 -12.04 14.90 13.80
C GLY A 55 -11.25 13.64 13.97
N LEU A 56 -10.27 13.37 13.11
CA LEU A 56 -9.54 12.11 13.12
C LEU A 56 -8.18 12.24 13.74
N PHE A 57 -7.75 11.18 14.43
CA PHE A 57 -6.41 11.07 14.98
C PHE A 57 -5.50 10.34 14.00
N TYR A 58 -4.20 10.51 14.19
CA TYR A 58 -3.22 9.75 13.42
C TYR A 58 -3.58 8.28 13.46
N HIS A 59 -3.65 7.66 12.28
CA HIS A 59 -4.20 6.31 12.16
C HIS A 59 -3.53 5.61 10.99
N GLU A 60 -2.82 4.52 11.29
CA GLU A 60 -2.10 3.73 10.30
C GLU A 60 -2.92 2.49 9.91
N ILE A 61 -2.74 2.07 8.66
CA ILE A 61 -3.40 0.88 8.13
C ILE A 61 -2.32 -0.17 7.87
N GLN A 62 -2.47 -1.34 8.48
CA GLN A 62 -1.51 -2.41 8.30
C GLN A 62 -1.95 -3.34 7.17
N ARG A 63 -0.98 -3.95 6.52
CA ARG A 63 -1.29 -4.98 5.55
C ARG A 63 -1.91 -6.17 6.27
N VAL A 64 -2.88 -6.83 5.62
CA VAL A 64 -3.68 -7.85 6.32
C VAL A 64 -2.80 -8.96 6.85
N ASP A 65 -1.76 -9.34 6.11
CA ASP A 65 -0.94 -10.47 6.51
C ASP A 65 0.15 -10.09 7.50
N SER A 66 0.24 -8.81 7.88
CA SER A 66 1.24 -8.38 8.84
CA SER A 66 1.24 -8.38 8.84
C SER A 66 0.76 -8.63 10.27
N GLY A 67 1.70 -8.92 11.15
CA GLY A 67 1.39 -9.11 12.56
C GLY A 67 1.88 -7.95 13.40
N THR A 68 1.87 -6.75 12.82
CA THR A 68 2.49 -5.57 13.42
C THR A 68 1.47 -4.65 14.08
N ALA A 69 0.32 -5.17 14.50
CA ALA A 69 -0.72 -4.30 15.05
C ALA A 69 -0.20 -3.47 16.22
N ALA A 70 0.68 -4.05 17.04
CA ALA A 70 1.15 -3.35 18.23
C ALA A 70 1.85 -2.05 17.89
N VAL A 71 2.69 -2.05 16.84
CA VAL A 71 3.42 -0.84 16.51
C VAL A 71 2.47 0.23 15.98
N HIS A 72 1.47 -0.17 15.19
CA HIS A 72 0.55 0.82 14.64
C HIS A 72 -0.34 1.39 15.72
N ALA A 73 -0.78 0.55 16.67
CA ALA A 73 -1.57 1.07 17.78
C ALA A 73 -0.72 1.98 18.67
N ALA A 74 0.54 1.59 18.92
CA ALA A 74 1.42 2.44 19.71
C ALA A 74 1.58 3.83 19.09
N ASN A 75 1.57 3.91 17.76
CA ASN A 75 1.71 5.22 17.12
C ASN A 75 0.44 6.03 17.25
N ALA A 76 -0.72 5.37 17.13
CA ALA A 76 -1.98 6.05 17.39
C ALA A 76 -2.05 6.50 18.84
N TYR A 77 -1.50 5.70 19.75
CA TYR A 77 -1.42 6.07 21.16
C TYR A 77 -0.62 7.36 21.32
N SER A 78 0.51 7.46 20.62
CA SER A 78 1.35 8.66 20.68
C SER A 78 0.83 9.79 19.80
N GLY A 79 0.19 9.47 18.67
CA GLY A 79 -0.27 10.49 17.76
C GLY A 79 0.68 10.82 16.65
N SER A 80 1.66 9.97 16.36
CA SER A 80 2.63 10.21 15.30
C SER A 80 3.37 8.91 15.03
N SER A 81 4.23 8.94 14.01
CA SER A 81 5.02 7.78 13.63
C SER A 81 6.30 7.73 14.48
N GLN A 82 6.11 7.43 15.76
CA GLN A 82 7.22 7.45 16.70
C GLN A 82 7.95 6.11 16.80
N TYR A 83 7.27 5.01 16.53
CA TYR A 83 7.83 3.68 16.73
C TYR A 83 7.90 2.91 15.41
N ASN A 84 8.93 2.10 15.29
CA ASN A 84 9.12 1.25 14.12
C ASN A 84 9.60 -0.11 14.61
N LEU A 85 10.01 -0.96 13.67
CA LEU A 85 10.42 -2.33 14.01
C LEU A 85 11.66 -2.34 14.91
N HIS A 86 12.51 -1.31 14.82
CA HIS A 86 13.73 -1.30 15.62
C HIS A 86 13.41 -1.29 17.11
N HIS A 87 12.37 -0.56 17.52
CA HIS A 87 12.06 -0.45 18.94
C HIS A 87 11.56 -1.76 19.51
N PHE A 88 10.67 -2.45 18.78
CA PHE A 88 10.13 -3.71 19.29
C PHE A 88 11.14 -4.84 19.19
N ALA A 89 11.96 -4.84 18.14
CA ALA A 89 13.00 -5.85 18.03
C ALA A 89 14.02 -5.70 19.15
N ASN A 90 14.40 -4.46 19.47
CA ASN A 90 15.35 -4.24 20.55
C ASN A 90 14.77 -4.69 21.88
N ALA A 91 13.46 -4.51 22.08
CA ALA A 91 12.84 -4.93 23.32
C ALA A 91 12.79 -6.46 23.44
N GLN A 92 12.51 -7.15 22.34
CA GLN A 92 12.45 -8.61 22.38
C GLN A 92 13.85 -9.19 22.56
N SER A 93 14.86 -8.59 21.93
CA SER A 93 16.23 -9.08 22.11
C SER A 93 16.67 -8.93 23.55
N ASN A 94 16.27 -7.84 24.22
CA ASN A 94 16.73 -7.58 25.56
C ASN A 94 16.06 -8.48 26.58
N MET A 95 14.82 -8.88 26.36
CA MET A 95 14.05 -9.56 27.39
C MET A 95 14.00 -11.07 27.24
N VAL A 96 14.10 -11.61 26.03
CA VAL A 96 14.07 -13.06 25.82
C VAL A 96 15.28 -13.56 25.06
N GLY A 97 16.25 -12.70 24.74
CA GLY A 97 17.51 -13.15 24.18
C GLY A 97 17.49 -13.48 22.71
N LEU A 98 16.41 -13.19 21.99
CA LEU A 98 16.39 -13.41 20.55
C LEU A 98 17.43 -12.53 19.88
N ASP A 99 17.98 -13.02 18.77
CA ASP A 99 18.86 -12.18 17.97
C ASP A 99 18.08 -11.00 17.40
N TYR A 100 18.76 -9.85 17.30
CA TYR A 100 18.08 -8.61 16.91
C TYR A 100 17.56 -8.68 15.47
N ASN A 101 18.39 -9.14 14.53
CA ASN A 101 17.95 -9.21 13.15
C ASN A 101 16.82 -10.22 12.99
N GLU A 102 16.98 -11.42 13.56
CA GLU A 102 15.90 -12.40 13.54
C GLU A 102 14.61 -11.80 14.08
N ALA A 103 14.70 -11.13 15.23
CA ALA A 103 13.49 -10.63 15.90
C ALA A 103 12.73 -9.65 15.02
N LYS A 104 13.42 -8.94 14.13
CA LYS A 104 12.72 -8.05 13.21
C LYS A 104 11.83 -8.82 12.26
N GLY A 105 12.30 -9.95 11.74
CA GLY A 105 11.47 -10.79 10.90
C GLY A 105 10.40 -11.53 11.68
N LEU A 106 10.68 -11.86 12.95
CA LEU A 106 9.72 -12.61 13.75
C LEU A 106 8.51 -11.76 14.13
N ILE A 107 8.70 -10.46 14.35
CA ILE A 107 7.57 -9.61 14.70
C ILE A 107 6.61 -9.50 13.52
N LEU A 108 7.14 -9.39 12.31
CA LEU A 108 6.28 -9.40 11.12
C LEU A 108 5.38 -10.63 11.09
N GLN A 109 5.88 -11.74 11.62
CA GLN A 109 5.16 -13.01 11.62
C GLN A 109 4.35 -13.25 12.88
N ASP A 110 4.85 -12.86 14.06
CA ASP A 110 4.32 -13.35 15.32
C ASP A 110 3.89 -12.26 16.29
N GLY A 111 4.01 -10.98 15.94
CA GLY A 111 3.45 -9.96 16.80
C GLY A 111 4.26 -9.69 18.06
N ASN A 112 3.58 -9.10 19.05
CA ASN A 112 4.24 -8.53 20.20
C ASN A 112 3.46 -8.79 21.48
N ASP A 113 4.14 -9.38 22.46
CA ASP A 113 3.56 -9.64 23.77
C ASP A 113 3.37 -8.34 24.55
N PRO A 114 2.42 -8.29 25.49
CA PRO A 114 2.16 -7.03 26.21
C PRO A 114 3.35 -6.47 26.96
N ASN A 115 4.23 -7.32 27.51
CA ASN A 115 5.38 -6.81 28.24
C ASN A 115 6.42 -6.18 27.30
N PHE A 116 6.49 -6.65 26.05
CA PHE A 116 7.34 -5.97 25.07
C PHE A 116 6.80 -4.57 24.79
N VAL A 117 5.48 -4.43 24.62
CA VAL A 117 4.90 -3.12 24.38
C VAL A 117 5.18 -2.19 25.55
N LYS A 118 4.93 -2.68 26.77
CA LYS A 118 5.23 -1.90 27.96
C LYS A 118 6.66 -1.39 27.95
N ALA A 119 7.61 -2.28 27.63
CA ALA A 119 9.02 -1.88 27.60
C ALA A 119 9.28 -0.81 26.55
N VAL A 120 8.58 -0.86 25.43
CA VAL A 120 8.82 0.10 24.35
C VAL A 120 8.32 1.48 24.74
N LEU A 121 7.11 1.56 25.30
CA LEU A 121 6.54 2.86 25.64
C LEU A 121 7.26 3.53 26.79
N ASN A 122 7.85 2.75 27.70
CA ASN A 122 8.54 3.34 28.84
C ASN A 122 9.95 3.80 28.53
N GLU A 123 10.46 3.53 27.33
CA GLU A 123 11.71 4.14 26.91
C GLU A 123 11.57 5.66 26.80
N SER A 124 10.45 6.12 26.26
CA SER A 124 10.19 7.56 26.12
C SER A 124 10.08 8.18 27.50
N LYS A 125 11.06 8.99 27.88
CA LYS A 125 11.06 9.62 29.19
C LYS A 125 10.12 10.82 29.19
N GLY A 126 9.41 11.00 30.30
CA GLY A 126 8.41 12.05 30.38
C GLY A 126 7.14 11.56 31.06
N ALA A 127 5.99 11.76 30.40
CA ALA A 127 4.73 11.29 30.94
C ALA A 127 4.75 9.77 31.12
N ALA A 128 4.41 9.33 32.32
CA ALA A 128 4.47 7.92 32.67
C ALA A 128 3.30 7.14 32.07
N ASN A 129 3.55 5.88 31.77
CA ASN A 129 2.53 4.97 31.26
C ASN A 129 2.27 3.90 32.32
N THR A 130 1.00 3.67 32.61
CA THR A 130 0.58 2.67 33.58
C THR A 130 0.07 1.44 32.84
N ALA A 131 0.55 0.27 33.22
CA ALA A 131 0.20 -0.98 32.55
C ALA A 131 -0.44 -1.95 33.52
N HIS A 132 -1.45 -2.67 33.04
CA HIS A 132 -2.06 -3.78 33.76
C HIS A 132 -2.12 -4.95 32.78
N ILE A 133 -1.34 -5.99 33.05
CA ILE A 133 -1.17 -7.10 32.12
C ILE A 133 -1.73 -8.37 32.74
N ALA A 134 -2.34 -9.20 31.90
CA ALA A 134 -2.85 -10.52 32.32
C ALA A 134 -3.94 -10.37 33.36
N LYS A 135 -5.01 -9.67 32.96
CA LYS A 135 -6.15 -9.41 33.82
C LYS A 135 -7.43 -9.72 33.05
N SER A 136 -8.51 -9.98 33.79
CA SER A 136 -9.79 -10.19 33.15
C SER A 136 -10.33 -8.87 32.61
N LYS A 137 -11.24 -8.98 31.64
CA LYS A 137 -11.80 -7.76 31.05
C LYS A 137 -12.60 -6.97 32.08
N THR A 138 -13.27 -7.66 33.01
CA THR A 138 -14.12 -6.98 33.98
C THR A 138 -13.31 -6.06 34.88
N GLU A 139 -12.16 -6.55 35.37
CA GLU A 139 -11.36 -5.75 36.29
C GLU A 139 -10.62 -4.64 35.55
N LEU A 140 -10.26 -4.84 34.28
CA LEU A 140 -9.64 -3.77 33.51
C LEU A 140 -10.64 -2.68 33.18
N ALA A 141 -11.88 -3.04 32.87
CA ALA A 141 -12.89 -2.02 32.59
C ALA A 141 -13.16 -1.17 33.83
N ASP A 142 -13.23 -1.80 35.00
CA ASP A 142 -13.43 -1.04 36.23
C ASP A 142 -12.28 -0.05 36.45
N ILE A 143 -11.05 -0.46 36.11
CA ILE A 143 -9.92 0.45 36.23
C ILE A 143 -10.09 1.62 35.27
N LEU A 144 -10.43 1.32 34.01
CA LEU A 144 -10.62 2.38 33.03
C LEU A 144 -11.74 3.34 33.44
N ASP A 145 -12.79 2.82 34.09
CA ASP A 145 -13.84 3.72 34.58
C ASP A 145 -13.35 4.58 35.73
N HIS A 146 -12.48 4.03 36.58
CA HIS A 146 -12.02 4.79 37.74
C HIS A 146 -11.14 5.95 37.32
N VAL A 147 -10.28 5.76 36.32
CA VAL A 147 -9.30 6.76 35.92
C VAL A 147 -9.73 7.52 34.67
N ASP A 148 -10.96 7.29 34.19
CA ASP A 148 -11.41 7.84 32.91
C ASP A 148 -11.15 9.34 32.81
N ARG A 149 -11.56 10.11 33.83
CA ARG A 149 -11.45 11.56 33.75
CA ARG A 149 -11.45 11.56 33.75
C ARG A 149 -10.00 12.03 33.65
N ASP A 150 -9.04 11.21 34.10
CA ASP A 150 -7.65 11.62 34.15
C ASP A 150 -6.82 11.15 32.96
N ILE A 151 -7.41 10.43 32.00
CA ILE A 151 -6.66 9.86 30.89
C ILE A 151 -7.28 10.30 29.57
N ASP A 152 -6.52 10.10 28.49
CA ASP A 152 -7.02 10.42 27.16
C ASP A 152 -6.54 9.45 26.09
N ARG A 153 -5.74 8.44 26.43
CA ARG A 153 -5.26 7.48 25.45
C ARG A 153 -5.04 6.14 26.12
N VAL A 154 -5.34 5.07 25.40
CA VAL A 154 -5.27 3.72 25.94
C VAL A 154 -4.89 2.75 24.82
N MET A 155 -4.11 1.74 25.17
CA MET A 155 -3.83 0.61 24.29
C MET A 155 -4.44 -0.63 24.93
N VAL A 156 -5.22 -1.38 24.15
CA VAL A 156 -5.89 -2.58 24.63
C VAL A 156 -5.30 -3.76 23.88
N GLY A 157 -4.67 -4.68 24.61
CA GLY A 157 -4.21 -5.93 24.05
C GLY A 157 -5.23 -7.03 24.29
N LEU A 158 -5.68 -7.65 23.19
CA LEU A 158 -6.69 -8.69 23.25
C LEU A 158 -6.03 -10.04 23.06
N ALA A 159 -6.41 -11.00 23.90
CA ALA A 159 -5.83 -12.33 23.83
C ALA A 159 -6.68 -13.28 24.67
N GLY A 160 -6.37 -14.57 24.55
CA GLY A 160 -7.10 -15.59 25.26
C GLY A 160 -8.10 -16.28 24.36
N PRO A 161 -8.83 -17.25 24.91
CA PRO A 161 -9.86 -17.92 24.10
C PRO A 161 -10.91 -16.93 23.62
N GLY A 162 -11.38 -17.14 22.40
CA GLY A 162 -12.33 -16.24 21.79
C GLY A 162 -11.73 -14.99 21.19
N GLU A 163 -10.40 -14.85 21.22
CA GLU A 163 -9.70 -13.73 20.60
C GLU A 163 -8.74 -14.23 19.54
N SER A 164 -8.51 -13.41 18.52
CA SER A 164 -7.51 -13.72 17.51
C SER A 164 -6.11 -13.24 17.88
N GLY A 165 -5.99 -12.30 18.81
CA GLY A 165 -4.70 -11.74 19.17
C GLY A 165 -4.45 -10.44 18.44
N HIS A 166 -4.69 -9.30 19.10
CA HIS A 166 -4.79 -8.03 18.40
C HIS A 166 -4.54 -6.88 19.37
N TRP A 167 -4.06 -5.77 18.82
CA TRP A 167 -3.84 -4.54 19.57
C TRP A 167 -4.69 -3.43 19.00
N VAL A 168 -5.38 -2.70 19.88
CA VAL A 168 -6.23 -1.57 19.50
C VAL A 168 -5.85 -0.38 20.37
N ALA A 169 -6.07 0.81 19.85
CA ALA A 169 -5.77 2.05 20.56
C ALA A 169 -7.06 2.87 20.68
N PHE A 170 -7.15 3.63 21.77
CA PHE A 170 -8.28 4.51 22.00
C PHE A 170 -7.74 5.91 22.30
N ARG A 171 -8.50 6.92 21.88
CA ARG A 171 -8.04 8.30 21.97
CA ARG A 171 -8.04 8.30 21.96
C ARG A 171 -9.24 9.20 22.24
N LYS A 172 -9.09 10.10 23.22
CA LYS A 172 -10.15 10.99 23.66
C LYS A 172 -9.96 12.38 23.06
N ASP A 173 -11.06 12.98 22.60
CA ASP A 173 -11.03 14.26 21.90
C ASP A 173 -11.46 15.39 22.84
N GLY A 174 -11.65 16.58 22.27
CA GLY A 174 -12.05 17.72 23.07
C GLY A 174 -13.46 17.62 23.60
N ASP A 175 -14.35 16.95 22.87
CA ASP A 175 -15.69 16.67 23.36
C ASP A 175 -15.71 15.63 24.45
N LYS A 176 -14.55 15.09 24.84
CA LYS A 176 -14.45 14.02 25.83
C LYS A 176 -15.18 12.77 25.35
N LYS A 177 -15.12 12.51 24.05
CA LYS A 177 -15.60 11.28 23.45
C LYS A 177 -14.40 10.41 23.09
N TRP A 178 -14.50 9.12 23.35
CA TRP A 178 -13.46 8.17 23.00
C TRP A 178 -13.62 7.69 21.56
N HIS A 179 -12.50 7.36 20.93
CA HIS A 179 -12.51 6.87 19.56
C HIS A 179 -11.59 5.66 19.42
N LYS A 180 -12.13 4.60 18.83
CA LYS A 180 -11.40 3.35 18.63
C LYS A 180 -10.60 3.44 17.34
N ILE A 181 -9.29 3.25 17.44
CA ILE A 181 -8.39 3.32 16.30
C ILE A 181 -7.83 1.92 16.07
N ASP A 182 -8.34 1.25 15.04
CA ASP A 182 -7.97 -0.12 14.71
C ASP A 182 -7.18 -0.14 13.41
N SER A 183 -5.98 -0.73 13.44
CA SER A 183 -5.12 -0.76 12.27
C SER A 183 -5.41 -1.91 11.32
N TYR A 184 -6.10 -2.95 11.78
CA TYR A 184 -6.40 -4.08 10.91
C TYR A 184 -7.39 -3.61 9.84
N PRO A 185 -7.06 -3.74 8.56
CA PRO A 185 -7.91 -3.11 7.53
C PRO A 185 -9.27 -3.79 7.36
N ARG A 186 -9.41 -5.07 7.74
CA ARG A 186 -10.72 -5.69 7.64
C ARG A 186 -11.71 -5.13 8.65
N GLY A 187 -11.22 -4.52 9.73
CA GLY A 187 -12.08 -4.01 10.78
C GLY A 187 -12.23 -2.50 10.74
N ILE A 188 -11.99 -1.89 9.58
CA ILE A 188 -12.15 -0.46 9.38
C ILE A 188 -13.26 -0.25 8.36
N ARG A 189 -14.26 0.54 8.72
CA ARG A 189 -15.34 0.93 7.81
C ARG A 189 -15.06 2.34 7.33
N ALA A 190 -14.97 2.52 6.02
CA ALA A 190 -14.54 3.79 5.45
C ALA A 190 -15.42 4.95 5.87
N SER A 191 -16.71 4.71 6.11
CA SER A 191 -17.61 5.79 6.48
C SER A 191 -17.53 6.15 7.96
N ASP A 192 -16.90 5.32 8.79
CA ASP A 192 -16.69 5.61 10.21
C ASP A 192 -15.43 4.88 10.65
N PRO A 193 -14.27 5.40 10.27
CA PRO A 193 -13.01 4.68 10.58
C PRO A 193 -12.58 4.75 12.03
N GLN A 194 -13.07 5.71 12.81
CA GLN A 194 -12.69 5.84 14.23
C GLN A 194 -13.98 5.91 15.05
N PRO A 195 -14.64 4.78 15.25
CA PRO A 195 -15.96 4.80 15.87
C PRO A 195 -15.93 5.25 17.31
N ASP A 196 -17.07 5.80 17.74
CA ASP A 196 -17.25 6.32 19.09
C ASP A 196 -17.56 5.15 20.02
N GLN A 197 -16.57 4.75 20.82
CA GLN A 197 -16.74 3.70 21.81
C GLN A 197 -15.66 3.88 22.87
N SER A 198 -16.06 3.79 24.13
CA SER A 198 -15.10 3.90 25.21
C SER A 198 -14.28 2.62 25.34
N PRO A 199 -13.00 2.72 25.72
CA PRO A 199 -12.22 1.48 25.91
C PRO A 199 -12.78 0.59 27.00
N ALA A 200 -13.41 1.16 28.03
CA ALA A 200 -13.99 0.33 29.07
C ALA A 200 -15.14 -0.51 28.54
N ASP A 201 -16.07 0.12 27.81
CA ASP A 201 -17.20 -0.61 27.25
C ASP A 201 -16.73 -1.60 26.19
N PHE A 202 -15.73 -1.21 25.38
CA PHE A 202 -15.15 -2.14 24.42
C PHE A 202 -14.68 -3.42 25.10
N LEU A 203 -14.06 -3.28 26.27
CA LEU A 203 -13.60 -4.47 27.01
C LEU A 203 -14.77 -5.24 27.60
N ARG A 204 -15.81 -4.55 28.07
CA ARG A 204 -16.94 -5.24 28.68
CA ARG A 204 -16.94 -5.24 28.68
C ARG A 204 -17.68 -6.12 27.68
N GLN A 205 -17.54 -5.85 26.39
CA GLN A 205 -18.24 -6.57 25.34
CA GLN A 205 -18.25 -6.58 25.35
C GLN A 205 -17.37 -7.61 24.65
N ARG A 206 -16.19 -7.90 25.20
CA ARG A 206 -15.35 -8.91 24.59
C ARG A 206 -15.86 -10.31 24.93
N PRO A 207 -15.61 -11.29 24.06
CA PRO A 207 -16.13 -12.65 24.30
C PRO A 207 -15.33 -13.43 25.32
N GLY A 208 -14.03 -13.17 25.39
CA GLY A 208 -13.17 -13.96 26.26
C GLY A 208 -13.61 -13.90 27.70
N THR A 209 -13.36 -15.00 28.42
CA THR A 209 -13.80 -15.14 29.79
C THR A 209 -12.67 -15.32 30.79
N GLU A 210 -11.43 -15.45 30.34
CA GLU A 210 -10.30 -15.67 31.22
C GLU A 210 -9.55 -14.35 31.42
N SER A 211 -8.36 -14.43 32.01
CA SER A 211 -7.61 -13.25 32.40
C SER A 211 -6.33 -13.14 31.58
N HIS A 212 -6.51 -12.83 30.29
CA HIS A 212 -5.40 -12.63 29.37
C HIS A 212 -5.48 -11.29 28.66
N TYR A 213 -6.22 -10.34 29.21
CA TYR A 213 -6.32 -9.01 28.63
C TYR A 213 -5.30 -8.09 29.27
N SER A 214 -5.02 -6.99 28.58
CA SER A 214 -4.01 -6.03 29.03
C SER A 214 -4.38 -4.64 28.56
N ILE A 215 -4.00 -3.65 29.37
CA ILE A 215 -4.19 -2.24 29.02
C ILE A 215 -2.94 -1.45 29.39
N ILE A 216 -2.69 -0.40 28.62
CA ILE A 216 -1.66 0.59 28.92
C ILE A 216 -2.29 1.95 28.68
N TYR A 217 -2.33 2.79 29.71
CA TYR A 217 -3.00 4.08 29.58
C TYR A 217 -2.12 5.20 30.11
N ARG A 218 -2.49 6.41 29.71
CA ARG A 218 -1.83 7.64 30.13
C ARG A 218 -2.83 8.80 29.99
N GLY B 76 8.71 -39.65 35.10
CA GLY B 76 8.35 -38.76 34.00
C GLY B 76 9.05 -37.41 34.08
N MET B 77 9.43 -36.89 32.92
CA MET B 77 10.13 -35.61 32.87
C MET B 77 9.18 -34.46 33.16
N GLN B 78 9.69 -33.44 33.85
CA GLN B 78 8.97 -32.21 34.15
C GLN B 78 9.77 -31.02 33.66
N ILE B 79 9.15 -30.20 32.81
CA ILE B 79 9.74 -28.96 32.37
C ILE B 79 8.97 -27.80 33.01
N PHE B 80 9.54 -26.61 32.92
CA PHE B 80 8.91 -25.40 33.45
C PHE B 80 8.72 -24.40 32.32
N VAL B 81 7.58 -23.72 32.34
CA VAL B 81 7.26 -22.67 31.39
C VAL B 81 7.00 -21.40 32.18
N LYS B 82 7.74 -20.35 31.87
CA LYS B 82 7.72 -19.10 32.62
C LYS B 82 7.34 -17.96 31.70
N THR B 83 6.34 -17.19 32.10
CA THR B 83 5.89 -16.03 31.34
C THR B 83 6.66 -14.78 31.75
N LEU B 84 6.59 -13.76 30.89
CA LEU B 84 7.25 -12.49 31.18
C LEU B 84 6.61 -11.76 32.34
N THR B 85 5.40 -12.17 32.74
CA THR B 85 4.76 -11.60 33.93
C THR B 85 5.31 -12.20 35.22
N GLY B 86 6.03 -13.32 35.13
CA GLY B 86 6.58 -13.99 36.28
C GLY B 86 5.87 -15.26 36.69
N LYS B 87 4.78 -15.62 36.03
CA LYS B 87 4.02 -16.81 36.40
C LYS B 87 4.68 -18.05 35.78
N THR B 88 4.75 -19.12 36.56
CA THR B 88 5.41 -20.35 36.16
C THR B 88 4.45 -21.54 36.28
N ILE B 89 4.50 -22.42 35.28
CA ILE B 89 3.73 -23.66 35.27
C ILE B 89 4.68 -24.82 35.05
N THR B 90 4.40 -25.95 35.69
CA THR B 90 5.18 -27.17 35.54
C THR B 90 4.38 -28.14 34.67
N LEU B 91 5.00 -28.60 33.58
CA LEU B 91 4.36 -29.54 32.66
C LEU B 91 5.01 -30.92 32.78
N GLU B 92 4.18 -31.95 32.66
CA GLU B 92 4.65 -33.32 32.58
C GLU B 92 4.74 -33.68 31.10
N VAL B 93 5.96 -33.87 30.60
CA VAL B 93 6.22 -34.09 29.19
C VAL B 93 7.21 -35.25 29.04
N GLU B 94 7.51 -35.58 27.79
CA GLU B 94 8.47 -36.62 27.45
C GLU B 94 9.36 -36.11 26.33
N PRO B 95 10.53 -36.72 26.14
CA PRO B 95 11.43 -36.24 25.09
C PRO B 95 10.83 -36.30 23.70
N SER B 96 9.98 -37.29 23.45
CA SER B 96 9.39 -37.46 22.13
C SER B 96 8.25 -36.48 21.86
N ASP B 97 7.74 -35.80 22.88
CA ASP B 97 6.67 -34.83 22.68
C ASP B 97 7.10 -33.75 21.71
N THR B 98 6.21 -33.42 20.78
CA THR B 98 6.44 -32.31 19.87
C THR B 98 6.09 -30.99 20.56
N ILE B 99 6.72 -29.91 20.10
CA ILE B 99 6.36 -28.59 20.62
C ILE B 99 4.86 -28.39 20.48
N GLU B 100 4.28 -28.91 19.39
CA GLU B 100 2.85 -28.84 19.19
C GLU B 100 2.09 -29.50 20.34
N ASN B 101 2.64 -30.59 20.88
CA ASN B 101 2.00 -31.26 22.01
C ASN B 101 2.15 -30.46 23.30
N VAL B 102 3.29 -29.80 23.47
CA VAL B 102 3.50 -28.98 24.66
C VAL B 102 2.52 -27.82 24.68
N LYS B 103 2.34 -27.15 23.55
CA LYS B 103 1.39 -26.05 23.49
C LYS B 103 -0.02 -26.51 23.84
N ALA B 104 -0.36 -27.76 23.50
CA ALA B 104 -1.65 -28.30 23.90
C ALA B 104 -1.75 -28.47 25.40
N LYS B 105 -0.64 -28.81 26.06
CA LYS B 105 -0.65 -28.92 27.52
C LYS B 105 -0.77 -27.55 28.17
N ILE B 106 -0.15 -26.53 27.58
CA ILE B 106 -0.26 -25.19 28.11
C ILE B 106 -1.69 -24.69 27.96
N GLN B 107 -2.39 -25.10 26.91
CA GLN B 107 -3.79 -24.70 26.74
C GLN B 107 -4.68 -25.34 27.80
N ASP B 108 -4.40 -26.59 28.16
CA ASP B 108 -5.24 -27.26 29.16
C ASP B 108 -5.08 -26.64 30.53
N LYS B 109 -3.93 -26.02 30.80
CA LYS B 109 -3.63 -25.49 32.11
C LYS B 109 -3.83 -23.98 32.23
N GLU B 110 -3.63 -23.23 31.14
CA GLU B 110 -3.75 -21.78 31.17
C GLU B 110 -4.77 -21.22 30.19
N GLY B 111 -5.37 -22.05 29.34
CA GLY B 111 -6.45 -21.61 28.47
C GLY B 111 -6.01 -20.78 27.28
N ILE B 112 -4.72 -20.64 27.04
CA ILE B 112 -4.20 -19.86 25.91
C ILE B 112 -4.21 -20.75 24.67
N PRO B 113 -4.90 -20.37 23.60
CA PRO B 113 -4.92 -21.24 22.40
C PRO B 113 -3.52 -21.38 21.81
N PRO B 114 -3.16 -22.57 21.31
CA PRO B 114 -1.79 -22.77 20.83
C PRO B 114 -1.36 -21.80 19.74
N ASP B 115 -2.30 -21.25 18.97
CA ASP B 115 -1.94 -20.32 17.91
C ASP B 115 -1.50 -18.96 18.44
N GLN B 116 -1.71 -18.68 19.72
CA GLN B 116 -1.25 -17.45 20.34
C GLN B 116 0.02 -17.64 21.18
N GLN B 117 0.66 -18.80 21.10
CA GLN B 117 1.80 -19.14 21.96
C GLN B 117 3.12 -19.11 21.22
N ARG B 118 4.09 -18.40 21.78
N ARG B 118 4.09 -18.41 21.79
CA ARG B 118 5.48 -18.50 21.35
CA ARG B 118 5.49 -18.49 21.36
C ARG B 118 6.29 -19.10 22.48
C ARG B 118 6.30 -19.10 22.49
N LEU B 119 7.07 -20.13 22.18
CA LEU B 119 7.98 -20.76 23.13
C LEU B 119 9.41 -20.48 22.69
N ILE B 120 10.23 -20.02 23.61
CA ILE B 120 11.60 -19.63 23.35
C ILE B 120 12.52 -20.33 24.34
N PHE B 121 13.62 -20.87 23.84
CA PHE B 121 14.59 -21.60 24.64
C PHE B 121 15.99 -21.27 24.14
N ALA B 122 16.84 -20.77 25.02
CA ALA B 122 18.24 -20.47 24.69
C ALA B 122 18.34 -19.41 23.60
N GLY B 123 17.41 -18.46 23.59
CA GLY B 123 17.42 -17.40 22.60
C GLY B 123 16.93 -17.79 21.23
N LYS B 124 16.27 -18.94 21.10
CA LYS B 124 15.72 -19.39 19.82
C LYS B 124 14.25 -19.75 19.98
N GLN B 125 13.42 -19.27 19.05
CA GLN B 125 12.01 -19.63 19.04
C GLN B 125 11.84 -21.06 18.53
N LEU B 126 11.07 -21.86 19.25
CA LEU B 126 10.89 -23.26 18.90
C LEU B 126 9.80 -23.43 17.85
N GLU B 127 9.92 -24.50 17.06
CA GLU B 127 8.98 -24.81 16.00
C GLU B 127 8.13 -26.02 16.37
N ASP B 128 6.88 -25.99 15.91
CA ASP B 128 5.88 -26.96 16.38
C ASP B 128 6.22 -28.37 15.91
N GLY B 129 6.78 -28.52 14.71
CA GLY B 129 7.01 -29.84 14.17
C GLY B 129 8.03 -30.64 14.95
N ARG B 130 9.03 -29.98 15.53
CA ARG B 130 10.12 -30.69 16.17
C ARG B 130 9.74 -31.09 17.60
N THR B 131 10.60 -31.92 18.20
CA THR B 131 10.40 -32.46 19.54
C THR B 131 11.34 -31.78 20.54
N LEU B 132 10.99 -31.92 21.82
CA LEU B 132 11.87 -31.43 22.87
C LEU B 132 13.27 -31.99 22.73
N SER B 133 13.38 -33.24 22.28
CA SER B 133 14.70 -33.85 22.10
C SER B 133 15.48 -33.15 20.98
N ASP B 134 14.77 -32.72 19.93
CA ASP B 134 15.46 -32.03 18.84
C ASP B 134 16.12 -30.73 19.30
N TYR B 135 15.58 -30.11 20.35
CA TYR B 135 16.12 -28.85 20.87
C TYR B 135 16.99 -29.07 22.10
N ASN B 136 17.24 -30.32 22.48
CA ASN B 136 18.04 -30.63 23.65
C ASN B 136 17.46 -29.96 24.91
N ILE B 137 16.13 -30.01 25.03
CA ILE B 137 15.46 -29.55 26.23
C ILE B 137 15.41 -30.73 27.20
N GLN B 138 15.93 -30.54 28.40
N GLN B 138 15.91 -30.53 28.40
CA GLN B 138 15.99 -31.61 29.39
CA GLN B 138 16.04 -31.55 29.43
C GLN B 138 15.13 -31.25 30.59
C GLN B 138 15.09 -31.25 30.57
N LYS B 139 14.87 -32.26 31.42
CA LYS B 139 14.02 -32.04 32.58
C LYS B 139 14.59 -30.96 33.47
N GLU B 140 13.72 -30.12 34.00
CA GLU B 140 14.03 -28.94 34.81
C GLU B 140 14.47 -27.78 33.91
N SER B 141 14.51 -27.97 32.59
CA SER B 141 14.74 -26.85 31.70
C SER B 141 13.55 -25.90 31.76
N THR B 142 13.82 -24.63 31.49
CA THR B 142 12.81 -23.59 31.57
C THR B 142 12.59 -22.99 30.19
N LEU B 143 11.32 -22.86 29.81
CA LEU B 143 10.93 -22.27 28.53
C LEU B 143 10.19 -20.96 28.77
N HIS B 144 10.47 -19.98 27.93
CA HIS B 144 9.76 -18.71 27.96
C HIS B 144 8.50 -18.80 27.11
N LEU B 145 7.37 -18.41 27.69
CA LEU B 145 6.11 -18.35 26.97
C LEU B 145 5.79 -16.89 26.69
N VAL B 146 5.61 -16.55 25.41
CA VAL B 146 5.38 -15.19 24.96
C VAL B 146 4.16 -15.21 24.08
N LEU B 147 3.22 -14.29 24.32
CA LEU B 147 2.00 -14.30 23.54
C LEU B 147 2.24 -13.72 22.15
N ARG B 148 1.44 -14.20 21.21
CA ARG B 148 1.55 -13.91 19.78
C ARG B 148 0.34 -13.08 19.38
N LEU B 149 0.49 -11.75 19.40
CA LEU B 149 -0.61 -10.82 19.11
C LEU B 149 -0.30 -10.09 17.82
N ARG B 150 -0.87 -10.60 16.72
CA ARG B 150 -0.59 -10.12 15.36
C ARG B 150 -1.60 -9.06 14.92
N GLY B 151 -2.85 -9.45 14.79
CA GLY B 151 -3.88 -8.58 14.25
C GLY B 151 -5.07 -9.40 13.80
N GLY B 152 -6.20 -8.73 13.67
CA GLY B 152 -7.42 -9.40 13.25
C GLY B 152 -8.70 -8.78 13.77
N SER C 16 27.55 -4.32 -18.90
CA SER C 16 26.98 -5.60 -19.32
C SER C 16 25.82 -6.00 -18.42
N ALA C 17 25.85 -5.54 -17.16
CA ALA C 17 24.72 -5.76 -16.27
C ALA C 17 23.45 -5.16 -16.85
N LEU C 18 23.57 -4.03 -17.54
CA LEU C 18 22.41 -3.42 -18.19
C LEU C 18 21.93 -4.27 -19.35
N GLY C 19 22.86 -4.87 -20.10
CA GLY C 19 22.46 -5.77 -21.17
C GLY C 19 21.62 -6.92 -20.68
N ASN C 20 21.93 -7.43 -19.48
CA ASN C 20 21.15 -8.53 -18.93
C ASN C 20 19.77 -8.05 -18.47
N SER C 21 19.69 -6.85 -17.92
CA SER C 21 18.39 -6.30 -17.54
C SER C 21 17.51 -6.10 -18.76
N LEU C 22 18.11 -5.72 -19.90
CA LEU C 22 17.33 -5.54 -21.11
C LEU C 22 16.85 -6.87 -21.66
N LYS C 23 17.69 -7.90 -21.61
CA LYS C 23 17.25 -9.23 -22.02
C LYS C 23 16.15 -9.76 -21.10
N LYS C 24 16.29 -9.52 -19.79
CA LYS C 24 15.29 -10.02 -18.85
C LYS C 24 13.92 -9.45 -19.16
N ALA C 25 13.84 -8.15 -19.49
CA ALA C 25 12.57 -7.52 -19.78
C ALA C 25 11.92 -8.04 -21.06
N LEU C 26 12.65 -8.80 -21.87
CA LEU C 26 12.09 -9.39 -23.08
C LEU C 26 11.49 -10.78 -22.83
N ASP C 27 11.66 -11.35 -21.65
CA ASP C 27 11.18 -12.70 -21.36
C ASP C 27 9.72 -12.61 -20.91
N THR C 28 8.81 -12.99 -21.82
CA THR C 28 7.39 -13.02 -21.53
C THR C 28 6.91 -14.40 -21.13
N ARG C 29 7.84 -15.25 -20.68
CA ARG C 29 7.51 -16.62 -20.31
C ARG C 29 6.41 -16.66 -19.26
N GLU C 30 6.63 -15.98 -18.12
CA GLU C 30 5.66 -15.91 -17.04
C GLU C 30 4.53 -14.92 -17.40
N PRO C 31 3.29 -15.21 -17.01
CA PRO C 31 2.22 -14.26 -17.30
C PRO C 31 2.44 -12.93 -16.57
N LEU C 32 2.06 -11.84 -17.24
CA LEU C 32 2.16 -10.54 -16.62
C LEU C 32 1.30 -10.48 -15.36
N SER C 33 1.66 -9.59 -14.44
CA SER C 33 0.95 -9.45 -13.18
C SER C 33 1.42 -8.16 -12.50
N GLU C 34 0.87 -7.91 -11.31
CA GLU C 34 1.29 -6.76 -10.51
C GLU C 34 2.71 -6.90 -9.98
N SER C 35 3.30 -8.10 -10.04
CA SER C 35 4.59 -8.35 -9.42
CA SER C 35 4.59 -8.35 -9.42
C SER C 35 5.75 -8.37 -10.41
N ASN C 36 5.48 -8.50 -11.71
CA ASN C 36 6.56 -8.64 -12.69
C ASN C 36 6.49 -7.62 -13.81
N PHE C 37 5.64 -6.60 -13.71
CA PHE C 37 5.58 -5.63 -14.81
C PHE C 37 6.81 -4.74 -14.82
N LEU C 38 7.42 -4.50 -13.67
CA LEU C 38 8.70 -3.82 -13.59
C LEU C 38 9.81 -4.86 -13.66
N SER C 39 10.62 -4.82 -14.72
CA SER C 39 11.63 -5.84 -14.93
C SER C 39 12.97 -5.49 -14.28
N GLY C 40 13.30 -4.21 -14.19
CA GLY C 40 14.55 -3.79 -13.60
C GLY C 40 14.74 -2.30 -13.73
N HIS C 41 16.00 -1.87 -13.64
CA HIS C 41 16.34 -0.46 -13.73
C HIS C 41 17.57 -0.26 -14.60
N VAL C 42 17.54 0.81 -15.39
CA VAL C 42 18.77 1.29 -16.01
C VAL C 42 19.67 1.92 -14.96
N HIS C 43 19.08 2.74 -14.09
CA HIS C 43 19.76 3.38 -12.98
C HIS C 43 18.84 3.29 -11.77
N PRO C 44 19.23 2.62 -10.69
CA PRO C 44 18.27 2.32 -9.61
C PRO C 44 18.21 3.34 -8.49
N HIS C 45 19.20 4.23 -8.39
CA HIS C 45 19.27 5.16 -7.28
C HIS C 45 18.47 6.42 -7.57
N ASP C 46 17.95 7.02 -6.51
CA ASP C 46 17.07 8.18 -6.65
C ASP C 46 17.82 9.39 -7.19
N THR C 47 17.16 10.14 -8.06
CA THR C 47 17.69 11.37 -8.61
C THR C 47 16.58 12.41 -8.66
N PRO C 48 16.14 12.88 -7.49
CA PRO C 48 15.08 13.90 -7.48
C PRO C 48 15.49 15.21 -8.12
N ILE C 49 16.78 15.56 -8.08
CA ILE C 49 17.22 16.86 -8.60
C ILE C 49 18.32 16.65 -9.63
N HIS C 50 19.46 16.13 -9.19
CA HIS C 50 20.62 15.94 -10.04
C HIS C 50 20.79 14.47 -10.40
N PRO C 51 21.50 14.17 -11.49
CA PRO C 51 21.77 12.77 -11.84
C PRO C 51 22.89 12.20 -10.99
N GLY C 52 23.13 10.90 -11.18
CA GLY C 52 24.19 10.22 -10.49
C GLY C 52 25.56 10.61 -11.02
N ALA C 53 26.58 10.01 -10.42
CA ALA C 53 27.96 10.27 -10.84
C ALA C 53 28.22 9.79 -12.25
N ASN C 54 27.47 8.80 -12.73
CA ASN C 54 27.59 8.34 -14.11
C ASN C 54 26.76 9.17 -15.08
N GLY C 55 26.05 10.19 -14.60
CA GLY C 55 25.27 11.04 -15.46
C GLY C 55 23.85 10.58 -15.75
N LEU C 56 23.40 9.49 -15.12
CA LEU C 56 22.09 8.91 -15.41
C LEU C 56 21.08 9.23 -14.32
N PHE C 57 19.82 9.40 -14.73
CA PHE C 57 18.71 9.60 -13.82
C PHE C 57 18.05 8.28 -13.48
N TYR C 58 17.29 8.29 -12.39
CA TYR C 58 16.47 7.14 -12.05
C TYR C 58 15.64 6.72 -13.25
N HIS C 59 15.71 5.44 -13.60
CA HIS C 59 15.20 4.96 -14.88
C HIS C 59 14.72 3.53 -14.72
N GLU C 60 13.42 3.30 -14.92
CA GLU C 60 12.84 1.97 -14.78
C GLU C 60 12.65 1.32 -16.15
N ILE C 61 12.79 0.00 -16.17
CA ILE C 61 12.59 -0.80 -17.38
C ILE C 61 11.32 -1.62 -17.20
N GLN C 62 10.39 -1.48 -18.13
CA GLN C 62 9.14 -2.23 -18.07
C GLN C 62 9.25 -3.50 -18.90
N ARG C 63 8.49 -4.51 -18.50
CA ARG C 63 8.39 -5.72 -19.30
C ARG C 63 7.80 -5.38 -20.66
N VAL C 64 8.32 -6.05 -21.70
CA VAL C 64 7.98 -5.67 -23.06
C VAL C 64 6.47 -5.74 -23.29
N ASP C 65 5.80 -6.71 -22.68
CA ASP C 65 4.37 -6.94 -22.90
C ASP C 65 3.48 -6.07 -22.02
N SER C 66 4.06 -5.19 -21.20
CA SER C 66 3.30 -4.42 -20.22
C SER C 66 2.84 -3.08 -20.79
N GLY C 67 1.76 -2.56 -20.22
CA GLY C 67 1.23 -1.27 -20.61
C GLY C 67 1.36 -0.22 -19.53
N THR C 68 2.44 -0.31 -18.75
CA THR C 68 2.63 0.52 -17.57
C THR C 68 3.58 1.69 -17.82
N ALA C 69 3.72 2.12 -19.08
CA ALA C 69 4.69 3.15 -19.40
C ALA C 69 4.45 4.42 -18.57
N ALA C 70 3.19 4.77 -18.34
CA ALA C 70 2.88 5.97 -17.58
C ALA C 70 3.49 5.92 -16.18
N VAL C 71 3.45 4.74 -15.55
CA VAL C 71 3.94 4.60 -14.20
C VAL C 71 5.45 4.80 -14.15
N HIS C 72 6.17 4.26 -15.13
CA HIS C 72 7.62 4.38 -15.14
C HIS C 72 8.06 5.78 -15.54
N ALA C 73 7.33 6.41 -16.46
CA ALA C 73 7.66 7.78 -16.87
C ALA C 73 7.45 8.76 -15.72
N ALA C 74 6.34 8.60 -14.98
CA ALA C 74 6.09 9.46 -13.83
C ALA C 74 7.19 9.32 -12.78
N ASN C 75 7.76 8.13 -12.63
CA ASN C 75 8.79 7.92 -11.63
C ASN C 75 10.13 8.52 -12.05
N ALA C 76 10.50 8.41 -13.33
CA ALA C 76 11.68 9.14 -13.80
C ALA C 76 11.45 10.64 -13.71
N TYR C 77 10.22 11.07 -13.99
CA TYR C 77 9.85 12.48 -13.82
C TYR C 77 10.08 12.95 -12.39
N SER C 78 9.68 12.14 -11.41
CA SER C 78 9.89 12.50 -10.02
C SER C 78 11.31 12.22 -9.55
N GLY C 79 11.96 11.21 -10.13
CA GLY C 79 13.30 10.85 -9.72
C GLY C 79 13.39 9.75 -8.68
N SER C 80 12.32 8.98 -8.49
CA SER C 80 12.31 7.88 -7.54
C SER C 80 11.06 7.05 -7.80
N SER C 81 10.96 5.92 -7.09
CA SER C 81 9.80 5.03 -7.21
C SER C 81 8.70 5.57 -6.29
N GLN C 82 8.06 6.64 -6.74
CA GLN C 82 7.03 7.29 -5.95
CA GLN C 82 7.03 7.29 -5.95
C GLN C 82 5.63 6.76 -6.26
N TYR C 83 5.40 6.28 -7.48
CA TYR C 83 4.08 5.85 -7.92
C TYR C 83 4.08 4.37 -8.28
N ASN C 84 2.94 3.72 -8.02
CA ASN C 84 2.74 2.32 -8.35
C ASN C 84 1.33 2.17 -8.94
N LEU C 85 0.89 0.93 -9.12
CA LEU C 85 -0.42 0.71 -9.74
C LEU C 85 -1.55 1.26 -8.88
N HIS C 86 -1.37 1.32 -7.56
CA HIS C 86 -2.46 1.78 -6.70
C HIS C 86 -2.81 3.23 -7.00
N HIS C 87 -1.81 4.07 -7.23
CA HIS C 87 -2.07 5.49 -7.44
C HIS C 87 -2.84 5.72 -8.74
N PHE C 88 -2.47 5.00 -9.81
CA PHE C 88 -3.20 5.12 -11.07
C PHE C 88 -4.55 4.44 -11.00
N ALA C 89 -4.66 3.34 -10.27
CA ALA C 89 -5.97 2.71 -10.10
C ALA C 89 -6.92 3.63 -9.34
N ASN C 90 -6.41 4.32 -8.32
CA ASN C 90 -7.26 5.22 -7.55
C ASN C 90 -7.79 6.35 -8.43
N ALA C 91 -6.97 6.85 -9.35
CA ALA C 91 -7.41 7.95 -10.20
C ALA C 91 -8.51 7.49 -11.16
N GLN C 92 -8.39 6.28 -11.69
CA GLN C 92 -9.42 5.78 -12.61
C GLN C 92 -10.71 5.48 -11.89
N SER C 93 -10.63 4.93 -10.69
CA SER C 93 -11.85 4.65 -9.93
C SER C 93 -12.58 5.95 -9.58
N ASN C 94 -11.82 7.00 -9.24
CA ASN C 94 -12.43 8.27 -8.85
C ASN C 94 -13.01 9.02 -10.04
N MET C 95 -12.42 8.87 -11.23
CA MET C 95 -12.76 9.72 -12.37
C MET C 95 -13.72 9.05 -13.35
N VAL C 96 -13.68 7.73 -13.50
CA VAL C 96 -14.57 7.03 -14.41
C VAL C 96 -15.36 5.92 -13.72
N GLY C 97 -15.22 5.75 -12.41
CA GLY C 97 -16.06 4.83 -11.67
C GLY C 97 -15.70 3.37 -11.80
N LEU C 98 -14.56 3.04 -12.39
CA LEU C 98 -14.15 1.64 -12.46
C LEU C 98 -13.92 1.07 -11.08
N ASP C 99 -14.14 -0.23 -10.94
CA ASP C 99 -13.77 -0.93 -9.71
C ASP C 99 -12.25 -0.86 -9.54
N TYR C 100 -11.82 -0.74 -8.28
CA TYR C 100 -10.41 -0.50 -8.00
C TYR C 100 -9.54 -1.69 -8.40
N ASN C 101 -9.95 -2.90 -8.00
CA ASN C 101 -9.14 -4.08 -8.31
C ASN C 101 -9.12 -4.36 -9.80
N GLU C 102 -10.29 -4.34 -10.46
CA GLU C 102 -10.33 -4.50 -11.91
C GLU C 102 -9.41 -3.49 -12.60
N ALA C 103 -9.53 -2.22 -12.22
CA ALA C 103 -8.79 -1.17 -12.91
C ALA C 103 -7.28 -1.41 -12.82
N LYS C 104 -6.81 -2.06 -11.76
CA LYS C 104 -5.38 -2.38 -11.69
C LYS C 104 -4.99 -3.36 -12.78
N GLY C 105 -5.83 -4.37 -13.04
CA GLY C 105 -5.54 -5.30 -14.12
C GLY C 105 -5.70 -4.68 -15.49
N LEU C 106 -6.58 -3.70 -15.61
CA LEU C 106 -6.76 -3.01 -16.89
C LEU C 106 -5.56 -2.11 -17.21
N ILE C 107 -4.91 -1.55 -16.19
CA ILE C 107 -3.75 -0.72 -16.45
C ILE C 107 -2.60 -1.54 -17.03
N LEU C 108 -2.40 -2.76 -16.50
CA LEU C 108 -1.39 -3.65 -17.08
C LEU C 108 -1.67 -3.93 -18.55
N GLN C 109 -2.95 -3.95 -18.94
CA GLN C 109 -3.33 -4.25 -20.31
C GLN C 109 -3.50 -3.03 -21.19
N ASP C 110 -4.05 -1.93 -20.64
CA ASP C 110 -4.58 -0.86 -21.47
C ASP C 110 -3.99 0.53 -21.20
N GLY C 111 -3.04 0.66 -20.28
CA GLY C 111 -2.34 1.93 -20.14
C GLY C 111 -3.16 3.00 -19.44
N ASN C 112 -2.73 4.25 -19.66
CA ASN C 112 -3.21 5.37 -18.86
C ASN C 112 -3.45 6.59 -19.74
N ASP C 113 -4.67 7.13 -19.66
CA ASP C 113 -5.03 8.34 -20.38
C ASP C 113 -4.33 9.55 -19.74
N PRO C 114 -4.06 10.60 -20.50
CA PRO C 114 -3.36 11.77 -19.92
C PRO C 114 -4.07 12.39 -18.73
N ASN C 115 -5.40 12.39 -18.70
CA ASN C 115 -6.10 13.00 -17.58
C ASN C 115 -5.93 12.19 -16.30
N PHE C 116 -5.74 10.87 -16.41
CA PHE C 116 -5.38 10.07 -15.25
C PHE C 116 -3.98 10.41 -14.75
N VAL C 117 -3.03 10.56 -15.69
CA VAL C 117 -1.66 10.90 -15.32
C VAL C 117 -1.63 12.25 -14.60
N LYS C 118 -2.31 13.24 -15.17
CA LYS C 118 -2.42 14.54 -14.53
C LYS C 118 -2.96 14.42 -13.11
N ALA C 119 -4.02 13.61 -12.93
CA ALA C 119 -4.61 13.46 -11.62
C ALA C 119 -3.63 12.89 -10.61
N VAL C 120 -2.78 11.96 -11.06
CA VAL C 120 -1.81 11.34 -10.14
C VAL C 120 -0.74 12.34 -9.73
N LEU C 121 -0.23 13.11 -10.68
CA LEU C 121 0.85 14.04 -10.36
C LEU C 121 0.36 15.19 -9.49
N ASN C 122 -0.89 15.60 -9.63
CA ASN C 122 -1.42 16.72 -8.85
C ASN C 122 -1.89 16.30 -7.46
N GLU C 123 -1.91 15.01 -7.14
CA GLU C 123 -2.18 14.60 -5.77
C GLU C 123 -1.07 15.08 -4.85
N SER C 124 0.18 14.95 -5.27
CA SER C 124 1.31 15.41 -4.48
C SER C 124 1.27 16.93 -4.41
N LYS C 125 0.92 17.47 -3.25
CA LYS C 125 0.83 18.91 -3.06
C LYS C 125 2.22 19.49 -2.84
N GLY C 126 2.42 20.70 -3.37
CA GLY C 126 3.72 21.33 -3.37
C GLY C 126 3.97 21.99 -4.70
N ALA C 127 5.11 21.70 -5.33
CA ALA C 127 5.37 22.25 -6.65
C ALA C 127 4.29 21.80 -7.62
N ALA C 128 3.67 22.76 -8.30
CA ALA C 128 2.57 22.47 -9.19
C ALA C 128 3.07 21.91 -10.52
N ASN C 129 2.25 21.05 -11.13
CA ASN C 129 2.53 20.48 -12.42
C ASN C 129 1.53 21.03 -13.44
N THR C 130 2.05 21.48 -14.58
CA THR C 130 1.23 22.06 -15.65
C THR C 130 1.04 21.03 -16.75
N ALA C 131 -0.21 20.89 -17.21
CA ALA C 131 -0.58 19.91 -18.21
C ALA C 131 -1.17 20.61 -19.43
N HIS C 132 -0.86 20.07 -20.60
CA HIS C 132 -1.50 20.45 -21.85
C HIS C 132 -1.88 19.17 -22.60
N ILE C 133 -3.18 18.92 -22.73
CA ILE C 133 -3.71 17.65 -23.20
C ILE C 133 -4.43 17.86 -24.53
N ALA C 134 -4.29 16.89 -25.43
CA ALA C 134 -5.00 16.87 -26.70
C ALA C 134 -4.65 18.07 -27.56
N LYS C 135 -3.35 18.17 -27.87
CA LYS C 135 -2.83 19.28 -28.66
C LYS C 135 -1.89 18.74 -29.74
N SER C 136 -1.70 19.55 -30.77
CA SER C 136 -0.79 19.19 -31.85
C SER C 136 0.66 19.25 -31.37
N LYS C 137 1.52 18.53 -32.09
CA LYS C 137 2.93 18.51 -31.70
C LYS C 137 3.56 19.89 -31.83
N THR C 138 3.14 20.67 -32.81
CA THR C 138 3.76 21.97 -33.04
C THR C 138 3.46 22.94 -31.90
N GLU C 139 2.23 22.97 -31.41
CA GLU C 139 1.90 23.94 -30.37
C GLU C 139 2.50 23.55 -29.03
N LEU C 140 2.63 22.25 -28.76
CA LEU C 140 3.30 21.84 -27.53
C LEU C 140 4.79 22.13 -27.59
N ALA C 141 5.42 21.93 -28.75
CA ALA C 141 6.83 22.24 -28.88
C ALA C 141 7.07 23.73 -28.73
N ASP C 142 6.18 24.56 -29.29
CA ASP C 142 6.30 26.00 -29.09
C ASP C 142 6.18 26.35 -27.62
N ILE C 143 5.29 25.67 -26.89
CA ILE C 143 5.15 25.91 -25.45
C ILE C 143 6.43 25.52 -24.73
N LEU C 144 6.96 24.33 -25.01
CA LEU C 144 8.16 23.87 -24.32
C LEU C 144 9.34 24.78 -24.61
N ASP C 145 9.42 25.34 -25.82
CA ASP C 145 10.48 26.29 -26.11
C ASP C 145 10.29 27.58 -25.31
N HIS C 146 9.04 27.98 -25.09
CA HIS C 146 8.77 29.21 -24.37
C HIS C 146 9.19 29.10 -22.91
N VAL C 147 8.92 27.95 -22.27
CA VAL C 147 9.14 27.78 -20.85
C VAL C 147 10.42 27.01 -20.54
N ASP C 148 11.22 26.68 -21.55
CA ASP C 148 12.38 25.80 -21.38
C ASP C 148 13.30 26.29 -20.27
N ARG C 149 13.58 27.59 -20.22
CA ARG C 149 14.53 28.11 -19.24
C ARG C 149 14.09 27.83 -17.82
N ASP C 150 12.78 27.80 -17.57
CA ASP C 150 12.24 27.75 -16.21
C ASP C 150 11.87 26.35 -15.75
N ILE C 151 12.09 25.33 -16.57
CA ILE C 151 11.68 23.96 -16.25
C ILE C 151 12.89 23.04 -16.33
N ASP C 152 12.71 21.83 -15.80
CA ASP C 152 13.77 20.83 -15.83
C ASP C 152 13.24 19.41 -15.98
N ARG C 153 11.92 19.20 -16.10
CA ARG C 153 11.37 17.87 -16.26
C ARG C 153 10.08 17.95 -17.06
N VAL C 154 9.86 16.95 -17.92
CA VAL C 154 8.71 16.93 -18.83
C VAL C 154 8.23 15.49 -18.98
N MET C 155 6.93 15.33 -19.10
CA MET C 155 6.31 14.06 -19.45
C MET C 155 5.58 14.24 -20.78
N VAL C 156 5.85 13.36 -21.74
CA VAL C 156 5.26 13.47 -23.08
C VAL C 156 4.41 12.23 -23.32
N GLY C 157 3.09 12.45 -23.50
CA GLY C 157 2.18 11.41 -23.91
C GLY C 157 1.94 11.48 -25.40
N LEU C 158 2.20 10.37 -26.08
CA LEU C 158 2.01 10.25 -27.52
C LEU C 158 0.76 9.45 -27.82
N ALA C 159 -0.02 9.92 -28.79
CA ALA C 159 -1.26 9.25 -29.19
C ALA C 159 -1.71 9.85 -30.51
N GLY C 160 -2.69 9.18 -31.12
CA GLY C 160 -3.19 9.59 -32.41
C GLY C 160 -2.63 8.76 -33.54
N PRO C 161 -3.04 9.05 -34.77
CA PRO C 161 -2.53 8.29 -35.92
C PRO C 161 -1.01 8.40 -36.03
N GLY C 162 -0.39 7.29 -36.45
CA GLY C 162 1.04 7.23 -36.56
C GLY C 162 1.76 7.02 -35.25
N GLU C 163 1.03 6.87 -34.15
CA GLU C 163 1.61 6.60 -32.84
C GLU C 163 1.07 5.26 -32.34
N SER C 164 1.89 4.57 -31.55
CA SER C 164 1.45 3.33 -30.92
C SER C 164 0.80 3.57 -29.56
N GLY C 165 1.01 4.73 -28.96
CA GLY C 165 0.48 5.02 -27.65
C GLY C 165 1.51 4.78 -26.57
N HIS C 166 2.16 5.84 -26.09
CA HIS C 166 3.36 5.67 -25.26
C HIS C 166 3.57 6.92 -24.41
N TRP C 167 4.24 6.72 -23.28
CA TRP C 167 4.63 7.80 -22.38
C TRP C 167 6.14 7.79 -22.24
N VAL C 168 6.76 8.97 -22.38
CA VAL C 168 8.20 9.15 -22.24
C VAL C 168 8.45 10.30 -21.27
N ALA C 169 9.58 10.25 -20.58
CA ALA C 169 9.95 11.27 -19.61
C ALA C 169 11.28 11.92 -20.02
N PHE C 170 11.42 13.20 -19.67
CA PHE C 170 12.61 13.98 -19.95
C PHE C 170 13.11 14.67 -18.69
N ARG C 171 14.43 14.66 -18.50
CA ARG C 171 15.06 15.31 -17.37
C ARG C 171 16.26 16.10 -17.87
N LYS C 172 16.55 17.20 -17.19
CA LYS C 172 17.63 18.11 -17.57
C LYS C 172 18.70 18.09 -16.48
N ASP C 173 19.97 18.08 -16.90
CA ASP C 173 21.09 17.92 -15.99
C ASP C 173 21.72 19.28 -15.70
N GLY C 174 22.88 19.26 -15.03
CA GLY C 174 23.55 20.50 -14.68
C GLY C 174 24.12 21.23 -15.87
N ASP C 175 24.51 20.51 -16.92
CA ASP C 175 24.93 21.13 -18.17
C ASP C 175 23.77 21.76 -18.94
N LYS C 176 22.55 21.71 -18.39
CA LYS C 176 21.36 22.19 -19.09
C LYS C 176 21.13 21.38 -20.38
N LYS C 177 21.44 20.09 -20.30
CA LYS C 177 21.19 19.15 -21.38
C LYS C 177 19.97 18.30 -21.03
N TRP C 178 19.10 18.08 -22.02
CA TRP C 178 17.92 17.25 -21.85
C TRP C 178 18.27 15.79 -22.11
N HIS C 179 17.58 14.88 -21.43
CA HIS C 179 17.80 13.45 -21.61
C HIS C 179 16.46 12.74 -21.69
N LYS C 180 16.29 11.91 -22.72
CA LYS C 180 15.07 11.16 -22.94
C LYS C 180 15.15 9.85 -22.16
N ILE C 181 14.17 9.61 -21.30
CA ILE C 181 14.11 8.43 -20.45
C ILE C 181 12.91 7.59 -20.90
N ASP C 182 13.19 6.49 -21.61
CA ASP C 182 12.16 5.62 -22.16
C ASP C 182 12.20 4.29 -21.43
N SER C 183 11.05 3.88 -20.88
CA SER C 183 10.98 2.64 -20.12
C SER C 183 10.76 1.42 -20.99
N TYR C 184 10.32 1.60 -22.23
CA TYR C 184 10.11 0.48 -23.15
C TYR C 184 11.45 -0.15 -23.51
N PRO C 185 11.63 -1.45 -23.30
CA PRO C 185 12.99 -2.03 -23.45
C PRO C 185 13.48 -2.12 -24.88
N ARG C 186 12.59 -2.15 -25.87
CA ARG C 186 13.05 -2.20 -27.26
C ARG C 186 13.67 -0.88 -27.71
N GLY C 187 13.35 0.22 -27.04
CA GLY C 187 13.84 1.52 -27.45
C GLY C 187 14.95 2.05 -26.58
N ILE C 188 15.66 1.16 -25.90
CA ILE C 188 16.80 1.50 -25.06
C ILE C 188 18.03 0.85 -25.69
N ARG C 189 19.03 1.67 -25.99
CA ARG C 189 20.32 1.18 -26.48
C ARG C 189 21.28 1.20 -25.30
N ALA C 190 21.87 0.04 -25.01
CA ALA C 190 22.69 -0.08 -23.80
C ALA C 190 23.83 0.93 -23.78
N SER C 191 24.33 1.32 -24.94
CA SER C 191 25.46 2.26 -25.01
C SER C 191 25.02 3.72 -24.83
N ASP C 192 23.72 4.01 -24.91
CA ASP C 192 23.21 5.36 -24.70
C ASP C 192 21.78 5.24 -24.19
N PRO C 193 21.60 4.85 -22.94
CA PRO C 193 20.24 4.56 -22.44
C PRO C 193 19.40 5.80 -22.21
N GLN C 194 20.01 6.97 -22.08
CA GLN C 194 19.29 8.23 -21.89
C GLN C 194 19.84 9.23 -22.89
N PRO C 195 19.41 9.10 -24.16
CA PRO C 195 19.98 9.95 -25.21
C PRO C 195 19.66 11.43 -25.03
N ASP C 196 20.56 12.26 -25.54
CA ASP C 196 20.48 13.72 -25.41
C ASP C 196 19.51 14.25 -26.45
N GLN C 197 18.31 14.66 -26.02
CA GLN C 197 17.32 15.23 -26.92
C GLN C 197 16.35 16.08 -26.12
N SER C 198 16.07 17.28 -26.63
CA SER C 198 15.10 18.13 -25.96
C SER C 198 13.69 17.63 -26.23
N PRO C 199 12.77 17.75 -25.27
CA PRO C 199 11.39 17.30 -25.52
C PRO C 199 10.71 18.06 -26.65
N ALA C 200 11.08 19.33 -26.86
CA ALA C 200 10.45 20.10 -27.93
C ALA C 200 10.78 19.52 -29.30
N ASP C 201 12.07 19.24 -29.55
CA ASP C 201 12.44 18.65 -30.83
C ASP C 201 11.89 17.24 -30.99
N PHE C 202 11.89 16.47 -29.90
CA PHE C 202 11.26 15.15 -29.92
C PHE C 202 9.82 15.25 -30.42
N LEU C 203 9.10 16.29 -30.00
CA LEU C 203 7.73 16.48 -30.46
C LEU C 203 7.68 16.89 -31.92
N ARG C 204 8.59 17.79 -32.34
CA ARG C 204 8.58 18.25 -33.72
CA ARG C 204 8.57 18.25 -33.73
C ARG C 204 8.90 17.13 -34.71
N GLN C 205 9.66 16.13 -34.26
CA GLN C 205 10.04 15.01 -35.10
C GLN C 205 9.05 13.84 -35.02
N ARG C 206 7.84 14.08 -34.51
CA ARG C 206 6.87 12.99 -34.45
C ARG C 206 6.12 12.87 -35.77
N PRO C 207 5.63 11.66 -36.10
CA PRO C 207 4.96 11.47 -37.38
C PRO C 207 3.52 11.97 -37.38
N GLY C 208 2.85 11.87 -36.24
CA GLY C 208 1.45 12.24 -36.17
C GLY C 208 1.23 13.70 -36.53
N THR C 209 0.07 13.97 -37.12
CA THR C 209 -0.26 15.30 -37.59
C THR C 209 -1.50 15.88 -36.92
N GLU C 210 -2.18 15.12 -36.05
CA GLU C 210 -3.40 15.57 -35.42
C GLU C 210 -3.13 16.11 -34.02
N SER C 211 -4.19 16.34 -33.26
CA SER C 211 -4.11 17.01 -31.96
C SER C 211 -4.44 16.03 -30.85
N HIS C 212 -3.55 15.05 -30.65
CA HIS C 212 -3.70 14.08 -29.57
C HIS C 212 -2.43 13.90 -28.75
N TYR C 213 -1.54 14.88 -28.77
CA TYR C 213 -0.33 14.84 -27.97
C TYR C 213 -0.57 15.55 -26.64
N SER C 214 0.28 15.25 -25.66
CA SER C 214 0.12 15.80 -24.33
C SER C 214 1.48 15.95 -23.65
N ILE C 215 1.59 16.96 -22.80
CA ILE C 215 2.79 17.18 -22.00
C ILE C 215 2.39 17.57 -20.59
N ILE C 216 3.24 17.18 -19.63
CA ILE C 216 3.15 17.62 -18.25
C ILE C 216 4.56 17.96 -17.79
N TYR C 217 4.79 19.20 -17.38
CA TYR C 217 6.11 19.69 -17.01
C TYR C 217 6.05 20.42 -15.68
N ARG C 218 7.23 20.65 -15.11
CA ARG C 218 7.38 21.36 -13.84
C ARG C 218 8.74 22.05 -13.78
N GLY D 76 -31.69 4.81 -35.42
CA GLY D 76 -31.85 6.25 -35.33
C GLY D 76 -31.50 6.80 -33.96
N MET D 77 -31.02 5.93 -33.10
CA MET D 77 -30.66 6.33 -31.74
C MET D 77 -29.40 7.19 -31.76
N GLN D 78 -29.33 8.13 -30.81
CA GLN D 78 -28.19 9.02 -30.67
C GLN D 78 -27.57 8.80 -29.30
N ILE D 79 -26.29 8.45 -29.28
CA ILE D 79 -25.54 8.33 -28.06
C ILE D 79 -24.53 9.47 -27.99
N PHE D 80 -23.95 9.66 -26.81
CA PHE D 80 -22.94 10.69 -26.59
C PHE D 80 -21.66 10.05 -26.09
N VAL D 81 -20.52 10.54 -26.57
CA VAL D 81 -19.21 10.09 -26.14
C VAL D 81 -18.47 11.30 -25.59
N LYS D 82 -18.00 11.19 -24.35
CA LYS D 82 -17.40 12.31 -23.63
C LYS D 82 -15.98 11.95 -23.22
N THR D 83 -15.04 12.81 -23.57
CA THR D 83 -13.65 12.65 -23.14
C THR D 83 -13.44 13.34 -21.80
N LEU D 84 -12.38 12.94 -21.11
CA LEU D 84 -12.07 13.56 -19.82
C LEU D 84 -11.63 15.01 -19.96
N THR D 85 -11.32 15.46 -21.17
CA THR D 85 -10.99 16.87 -21.39
C THR D 85 -12.22 17.77 -21.36
N GLY D 86 -13.42 17.20 -21.41
CA GLY D 86 -14.66 17.97 -21.42
C GLY D 86 -15.37 17.99 -22.75
N LYS D 87 -14.80 17.38 -23.78
CA LYS D 87 -15.39 17.37 -25.11
C LYS D 87 -16.41 16.26 -25.26
N THR D 88 -17.51 16.56 -25.93
CA THR D 88 -18.59 15.60 -26.18
C THR D 88 -18.84 15.53 -27.69
N ILE D 89 -19.05 14.31 -28.18
CA ILE D 89 -19.39 14.07 -29.57
C ILE D 89 -20.67 13.25 -29.62
N THR D 90 -21.53 13.52 -30.59
CA THR D 90 -22.78 12.81 -30.77
C THR D 90 -22.65 11.85 -31.93
N LEU D 91 -22.91 10.57 -31.69
CA LEU D 91 -22.86 9.54 -32.71
C LEU D 91 -24.29 9.04 -32.98
N GLU D 92 -24.59 8.81 -34.25
CA GLU D 92 -25.84 8.17 -34.66
C GLU D 92 -25.55 6.69 -34.90
N VAL D 93 -26.09 5.84 -34.03
CA VAL D 93 -25.83 4.41 -34.04
C VAL D 93 -27.15 3.67 -33.84
N GLU D 94 -27.08 2.35 -33.81
CA GLU D 94 -28.22 1.47 -33.59
C GLU D 94 -27.84 0.43 -32.55
N PRO D 95 -28.83 -0.19 -31.90
CA PRO D 95 -28.51 -1.19 -30.87
C PRO D 95 -27.70 -2.37 -31.40
N SER D 96 -27.88 -2.75 -32.65
CA SER D 96 -27.16 -3.90 -33.19
C SER D 96 -25.70 -3.59 -33.51
N ASP D 97 -25.32 -2.32 -33.61
CA ASP D 97 -23.93 -1.98 -33.86
C ASP D 97 -23.06 -2.48 -32.72
N THR D 98 -21.92 -3.09 -33.07
CA THR D 98 -20.98 -3.55 -32.08
C THR D 98 -20.12 -2.39 -31.58
N ILE D 99 -19.63 -2.52 -30.35
CA ILE D 99 -18.70 -1.54 -29.81
C ILE D 99 -17.53 -1.35 -30.75
N GLU D 100 -17.08 -2.43 -31.40
CA GLU D 100 -16.03 -2.33 -32.40
C GLU D 100 -16.43 -1.40 -33.53
N ASN D 101 -17.71 -1.43 -33.92
CA ASN D 101 -18.18 -0.54 -34.98
C ASN D 101 -18.30 0.90 -34.49
N VAL D 102 -18.69 1.08 -33.23
CA VAL D 102 -18.78 2.43 -32.68
C VAL D 102 -17.40 3.07 -32.65
N LYS D 103 -16.39 2.31 -32.23
CA LYS D 103 -15.02 2.82 -32.25
C LYS D 103 -14.58 3.20 -33.66
N ALA D 104 -15.09 2.49 -34.68
CA ALA D 104 -14.80 2.88 -36.06
C ALA D 104 -15.45 4.21 -36.40
N LYS D 105 -16.63 4.49 -35.85
CA LYS D 105 -17.27 5.79 -36.07
C LYS D 105 -16.52 6.90 -35.34
N ILE D 106 -15.99 6.60 -34.15
CA ILE D 106 -15.21 7.59 -33.42
C ILE D 106 -13.91 7.90 -34.16
N GLN D 107 -13.35 6.92 -34.85
CA GLN D 107 -12.11 7.17 -35.60
C GLN D 107 -12.35 8.15 -36.75
N ASP D 108 -13.47 7.99 -37.45
CA ASP D 108 -13.76 8.85 -38.58
C ASP D 108 -14.10 10.28 -38.16
N LYS D 109 -14.56 10.47 -36.91
CA LYS D 109 -15.00 11.77 -36.46
C LYS D 109 -13.95 12.49 -35.62
N GLU D 110 -13.12 11.77 -34.87
CA GLU D 110 -12.10 12.39 -34.04
C GLU D 110 -10.69 11.89 -34.35
N GLY D 111 -10.55 10.92 -35.24
CA GLY D 111 -9.23 10.50 -35.69
C GLY D 111 -8.44 9.63 -34.74
N ILE D 112 -9.05 9.15 -33.66
CA ILE D 112 -8.34 8.28 -32.73
C ILE D 112 -8.42 6.85 -33.25
N PRO D 113 -7.30 6.16 -33.46
CA PRO D 113 -7.36 4.79 -33.95
C PRO D 113 -8.11 3.89 -32.99
N PRO D 114 -8.91 2.93 -33.49
CA PRO D 114 -9.69 2.09 -32.57
C PRO D 114 -8.84 1.39 -31.52
N ASP D 115 -7.57 1.15 -31.81
CA ASP D 115 -6.69 0.49 -30.87
C ASP D 115 -6.29 1.38 -29.70
N GLN D 116 -6.52 2.69 -29.80
CA GLN D 116 -6.24 3.62 -28.71
C GLN D 116 -7.48 4.01 -27.94
N GLN D 117 -8.61 3.36 -28.19
CA GLN D 117 -9.89 3.76 -27.64
C GLN D 117 -10.31 2.79 -26.54
N ARG D 118 -10.75 3.35 -25.41
CA ARG D 118 -11.39 2.60 -24.35
C ARG D 118 -12.74 3.25 -24.06
N LEU D 119 -13.79 2.45 -24.12
CA LEU D 119 -15.15 2.93 -23.86
C LEU D 119 -15.63 2.37 -22.54
N ILE D 120 -16.17 3.24 -21.70
CA ILE D 120 -16.61 2.88 -20.35
C ILE D 120 -18.03 3.38 -20.16
N PHE D 121 -18.88 2.54 -19.59
CA PHE D 121 -20.28 2.88 -19.35
C PHE D 121 -20.72 2.26 -18.04
N ALA D 122 -21.22 3.11 -17.13
CA ALA D 122 -21.73 2.66 -15.83
C ALA D 122 -20.63 2.01 -15.00
N GLY D 123 -19.40 2.49 -15.15
CA GLY D 123 -18.29 1.97 -14.38
C GLY D 123 -17.77 0.63 -14.83
N LYS D 124 -18.16 0.17 -16.02
CA LYS D 124 -17.68 -1.08 -16.58
C LYS D 124 -17.16 -0.81 -17.98
N GLN D 125 -15.96 -1.30 -18.28
CA GLN D 125 -15.38 -1.11 -19.60
C GLN D 125 -16.05 -2.01 -20.62
N LEU D 126 -16.41 -1.45 -21.77
CA LEU D 126 -17.13 -2.17 -22.79
C LEU D 126 -16.19 -3.01 -23.64
N GLU D 127 -16.73 -4.10 -24.19
CA GLU D 127 -15.97 -5.07 -24.95
C GLU D 127 -16.31 -4.98 -26.44
N ASP D 128 -15.31 -5.24 -27.29
CA ASP D 128 -15.48 -5.02 -28.72
C ASP D 128 -16.46 -6.02 -29.33
N GLY D 129 -16.43 -7.27 -28.87
CA GLY D 129 -17.25 -8.30 -29.49
C GLY D 129 -18.73 -8.09 -29.31
N ARG D 130 -19.14 -7.50 -28.19
CA ARG D 130 -20.55 -7.39 -27.85
C ARG D 130 -21.22 -6.25 -28.62
N THR D 131 -22.53 -6.16 -28.49
CA THR D 131 -23.33 -5.14 -29.13
C THR D 131 -23.76 -4.11 -28.10
N LEU D 132 -24.12 -2.91 -28.59
CA LEU D 132 -24.63 -1.88 -27.69
C LEU D 132 -25.85 -2.35 -26.92
N SER D 133 -26.67 -3.22 -27.52
CA SER D 133 -27.85 -3.73 -26.83
C SER D 133 -27.48 -4.60 -25.64
N ASP D 134 -26.36 -5.34 -25.73
CA ASP D 134 -25.95 -6.19 -24.62
C ASP D 134 -25.72 -5.37 -23.35
N TYR D 135 -25.35 -4.10 -23.48
CA TYR D 135 -25.04 -3.25 -22.34
C TYR D 135 -26.18 -2.32 -21.94
N ASN D 136 -27.36 -2.46 -22.56
CA ASN D 136 -28.49 -1.59 -22.23
C ASN D 136 -28.14 -0.12 -22.41
N ILE D 137 -27.44 0.19 -23.50
CA ILE D 137 -27.12 1.58 -23.85
C ILE D 137 -28.31 2.14 -24.61
N GLN D 138 -29.04 3.05 -23.98
CA GLN D 138 -30.23 3.64 -24.58
C GLN D 138 -29.93 5.04 -25.11
N LYS D 139 -30.91 5.58 -25.84
CA LYS D 139 -30.74 6.89 -26.45
C LYS D 139 -30.52 7.95 -25.37
N GLU D 140 -29.62 8.89 -25.66
CA GLU D 140 -29.17 9.95 -24.79
C GLU D 140 -28.17 9.45 -23.75
N SER D 141 -27.82 8.17 -23.75
CA SER D 141 -26.78 7.68 -22.88
C SER D 141 -25.42 8.27 -23.26
N THR D 142 -24.55 8.40 -22.27
CA THR D 142 -23.22 8.98 -22.46
C THR D 142 -22.18 7.94 -22.11
N LEU D 143 -21.19 7.80 -22.97
CA LEU D 143 -20.07 6.88 -22.77
C LEU D 143 -18.79 7.68 -22.56
N HIS D 144 -17.96 7.22 -21.62
CA HIS D 144 -16.67 7.85 -21.36
C HIS D 144 -15.63 7.29 -22.32
N LEU D 145 -14.89 8.18 -22.99
CA LEU D 145 -13.82 7.79 -23.89
C LEU D 145 -12.49 8.04 -23.20
N VAL D 146 -11.67 6.99 -23.10
CA VAL D 146 -10.39 7.02 -22.41
C VAL D 146 -9.34 6.44 -23.35
N LEU D 147 -8.22 7.15 -23.48
CA LEU D 147 -7.17 6.73 -24.39
C LEU D 147 -6.37 5.56 -23.79
N ARG D 148 -5.83 4.73 -24.68
CA ARG D 148 -5.13 3.50 -24.31
C ARG D 148 -3.66 3.66 -24.68
N LEU D 149 -2.85 4.10 -23.72
CA LEU D 149 -1.42 4.39 -23.93
C LEU D 149 -0.59 3.39 -23.14
N ARG D 150 -0.15 2.33 -23.80
CA ARG D 150 0.54 1.21 -23.17
C ARG D 150 2.06 1.38 -23.17
N GLY D 151 2.64 1.46 -24.37
CA GLY D 151 4.08 1.52 -24.51
C GLY D 151 4.52 1.24 -25.94
N GLY D 152 5.73 1.65 -26.28
CA GLY D 152 6.26 1.44 -27.62
C GLY D 152 7.25 2.52 -28.02
#